data_8GZJ
#
_entry.id   8GZJ
#
_cell.length_a   81.474
_cell.length_b   41.932
_cell.length_c   73.247
_cell.angle_alpha   90.000
_cell.angle_beta   106.200
_cell.angle_gamma   90.000
#
_symmetry.space_group_name_H-M   'C 1 2 1'
#
loop_
_entity.id
_entity.type
_entity.pdbx_description
1 polymer '25-mer DNA'
2 non-polymer 'CADMIUM ION'
3 non-polymer 'BARIUM ION'
4 water water
#
_entity_poly.entity_id   1
_entity_poly.type   'polydeoxyribonucleotide'
_entity_poly.pdbx_seq_one_letter_code
;(DG)(DA)(DC)(DG)(DA)(DC)(DG)(DG)(DG)(DT)(DT)(DC)(DA)(DC)(DA)(DG)(DT)(DC)(DC)(DG)
(DT)(DT)(DG)(DT)(DC)
;
_entity_poly.pdbx_strand_id   A,B,C
#